data_6YSJ
#
_entry.id   6YSJ
#
_cell.length_a   70.451
_cell.length_b   71.379
_cell.length_c   72.448
_cell.angle_alpha   90.000
_cell.angle_beta   100.340
_cell.angle_gamma   90.000
#
_symmetry.space_group_name_H-M   'C 1 2 1'
#
loop_
_entity.id
_entity.type
_entity.pdbx_description
1 polymer Prothrombin
2 polymer Prothrombin
3 polymer 'Hirudin variant-2'
4 non-polymer 'SODIUM ION'
5 non-polymer 'DIMETHYL SULFOXIDE'
6 non-polymer 2-amino-1-(4-bromophenyl)ethanone
7 non-polymer 2-acetamido-2-deoxy-beta-D-glucopyranose
8 water water
#
loop_
_entity_poly.entity_id
_entity_poly.type
_entity_poly.pdbx_seq_one_letter_code
_entity_poly.pdbx_strand_id
1 'polypeptide(L)' TFGSGEADCGLRPLFEKKSLEDKTERELLESYIDGR L
2 'polypeptide(L)'
;IVEGSDAEIGMSPWQVMLFRKSPQELLCGASLISDRWVLTAAHCLLYPPWDKNFTENDLLVRIGKHSRTRYERNIEKISM
LEKIYIHPRYNWRENLDRDIALMKLKKPVAFSDYIHPVCLPDRETAASLLQAGYKGRVTGWGNLKETWTANVGKGQPSVL
QVVNLPIVERPVCKDSTRIRITDNMFCAGYKPDEGKRGDACEGDSGGPFVMKSPFNNRWYQMGIVSWGEGCDRDGKYGFY
THVFRLKKWIQKVIDQFGE
;
H
3 'polypeptide(L)' GDFEEIPEE(TYS)LQ I
#
# COMPACT_ATOMS: atom_id res chain seq x y z
N GLU A 6 -14.50 10.73 -3.52
CA GLU A 6 -14.54 10.25 -2.13
C GLU A 6 -15.89 9.59 -1.85
N ALA A 7 -16.97 10.17 -2.35
CA ALA A 7 -18.30 9.61 -2.11
C ALA A 7 -18.39 8.14 -2.52
N ASP A 8 -17.71 7.76 -3.59
CA ASP A 8 -17.72 6.41 -4.14
C ASP A 8 -16.46 5.62 -3.78
N CYS A 9 -15.69 6.07 -2.80
CA CYS A 9 -14.43 5.42 -2.50
C CYS A 9 -14.65 3.98 -2.04
N GLY A 10 -13.67 3.13 -2.34
CA GLY A 10 -13.66 1.82 -1.75
C GLY A 10 -14.64 0.81 -2.30
N LEU A 11 -15.35 1.14 -3.34
CA LEU A 11 -16.28 0.25 -4.01
C LEU A 11 -15.69 -0.05 -5.39
N ARG A 12 -15.28 -1.28 -5.60
CA ARG A 12 -14.56 -1.63 -6.83
C ARG A 12 -15.51 -1.86 -7.99
N PRO A 13 -15.24 -1.28 -9.16
CA PRO A 13 -16.11 -1.51 -10.31
C PRO A 13 -16.33 -2.96 -10.67
N LEU A 14 -15.32 -3.79 -10.55
CA LEU A 14 -15.45 -5.19 -10.98
C LEU A 14 -15.91 -6.12 -9.88
N PHE A 15 -16.13 -5.60 -8.66
CA PHE A 15 -16.54 -6.41 -7.51
C PHE A 15 -17.77 -5.82 -6.85
N GLU A 16 -17.59 -4.90 -5.88
CA GLU A 16 -18.74 -4.40 -5.14
C GLU A 16 -19.80 -3.80 -6.05
N LYS A 17 -19.39 -3.06 -7.08
CA LYS A 17 -20.38 -2.40 -7.93
C LYS A 17 -21.22 -3.39 -8.73
N LYS A 18 -20.73 -4.62 -8.92
N LYS A 18 -20.74 -4.62 -8.89
CA LYS A 18 -21.48 -5.66 -9.59
CA LYS A 18 -21.48 -5.71 -9.54
C LYS A 18 -22.04 -6.69 -8.63
C LYS A 18 -21.93 -6.79 -8.57
N SER A 19 -21.78 -6.56 -7.34
N SER A 19 -21.79 -6.56 -7.27
CA SER A 19 -22.11 -7.59 -6.36
CA SER A 19 -22.08 -7.57 -6.24
C SER A 19 -21.39 -8.91 -6.64
C SER A 19 -21.32 -8.88 -6.45
N LEU A 20 -20.14 -8.81 -7.08
CA LEU A 20 -19.25 -9.95 -7.21
C LEU A 20 -18.21 -9.90 -6.10
N GLU A 21 -17.91 -11.06 -5.55
CA GLU A 21 -16.92 -11.19 -4.49
C GLU A 21 -15.61 -11.72 -5.05
N ASP A 22 -14.51 -11.20 -4.54
CA ASP A 22 -13.21 -11.76 -4.90
C ASP A 22 -12.96 -13.06 -4.14
N LYS A 23 -11.91 -13.75 -4.55
CA LYS A 23 -11.71 -15.13 -4.10
C LYS A 23 -11.32 -15.24 -2.63
N THR A 24 -10.80 -14.18 -2.00
CA THR A 24 -10.38 -14.31 -0.62
C THR A 24 -10.94 -13.26 0.35
N GLU A 25 -11.84 -12.37 -0.09
CA GLU A 25 -12.32 -11.36 0.84
C GLU A 25 -13.08 -11.98 1.99
N ARG A 26 -13.66 -13.15 1.82
CA ARG A 26 -14.37 -13.79 2.92
C ARG A 26 -13.42 -14.12 4.06
N GLU A 27 -12.15 -14.42 3.78
CA GLU A 27 -11.17 -14.63 4.84
C GLU A 27 -11.08 -13.42 5.76
N LEU A 28 -11.14 -12.23 5.19
CA LEU A 28 -11.13 -11.02 6.01
C LEU A 28 -12.38 -10.93 6.86
N LEU A 29 -13.55 -11.07 6.25
CA LEU A 29 -14.81 -10.98 6.99
C LEU A 29 -14.84 -11.97 8.15
N GLU A 30 -14.38 -13.19 7.90
CA GLU A 30 -14.45 -14.22 8.95
C GLU A 30 -13.56 -13.88 10.14
N SER A 31 -12.53 -13.06 9.94
CA SER A 31 -11.66 -12.64 11.03
C SER A 31 -12.23 -11.51 11.87
N TYR A 32 -13.31 -10.87 11.42
CA TYR A 32 -13.84 -9.68 12.12
C TYR A 32 -14.86 -10.18 13.13
N ILE A 33 -14.37 -10.73 14.24
CA ILE A 33 -15.19 -11.38 15.23
C ILE A 33 -15.47 -10.39 16.35
N ILE B 1 5.83 -9.47 -2.48
CA ILE B 1 4.98 -10.19 -1.54
C ILE B 1 5.41 -11.66 -1.46
N VAL B 2 5.63 -12.18 -0.26
CA VAL B 2 6.04 -13.57 -0.03
C VAL B 2 4.82 -14.39 0.34
N GLU B 3 4.66 -15.55 -0.30
CA GLU B 3 3.59 -16.50 0.00
C GLU B 3 2.19 -15.91 -0.25
N GLY B 4 2.09 -15.03 -1.23
CA GLY B 4 0.83 -14.53 -1.71
C GLY B 4 0.35 -15.24 -2.96
N SER B 5 -0.61 -14.64 -3.62
CA SER B 5 -1.11 -15.20 -4.88
C SER B 5 -1.32 -14.08 -5.87
N ASP B 6 -1.52 -14.44 -7.14
CA ASP B 6 -1.82 -13.46 -8.15
C ASP B 6 -3.12 -12.74 -7.84
N ALA B 7 -3.11 -11.42 -7.97
CA ALA B 7 -4.34 -10.65 -7.84
C ALA B 7 -5.29 -10.99 -8.99
N GLU B 8 -6.60 -10.88 -8.70
CA GLU B 8 -7.61 -10.84 -9.75
C GLU B 8 -7.58 -9.50 -10.46
N ILE B 9 -8.06 -9.49 -11.70
CA ILE B 9 -8.21 -8.23 -12.43
C ILE B 9 -9.16 -7.29 -11.67
N GLY B 10 -8.74 -6.06 -11.47
CA GLY B 10 -9.56 -5.09 -10.78
C GLY B 10 -9.71 -5.30 -9.31
N MET B 11 -8.90 -6.19 -8.71
CA MET B 11 -9.04 -6.50 -7.29
C MET B 11 -8.57 -5.38 -6.39
N SER B 12 -7.65 -4.55 -6.86
N SER B 12 -7.59 -4.59 -6.83
CA SER B 12 -7.03 -3.49 -6.05
CA SER B 12 -7.03 -3.49 -6.05
C SER B 12 -6.88 -2.27 -6.96
C SER B 12 -6.89 -2.28 -6.98
N PRO B 13 -8.01 -1.66 -7.36
CA PRO B 13 -7.95 -0.62 -8.41
C PRO B 13 -7.34 0.67 -7.93
N TRP B 14 -7.08 0.78 -6.63
CA TRP B 14 -6.35 1.86 -6.03
C TRP B 14 -4.83 1.64 -6.01
N GLN B 15 -4.34 0.48 -6.43
N GLN B 15 -4.37 0.47 -6.44
CA GLN B 15 -2.91 0.21 -6.37
CA GLN B 15 -2.93 0.20 -6.46
C GLN B 15 -2.16 1.06 -7.38
C GLN B 15 -2.22 1.18 -7.38
N VAL B 16 -1.07 1.67 -6.92
CA VAL B 16 -0.24 2.55 -7.74
C VAL B 16 1.19 2.03 -7.68
N MET B 17 1.89 2.10 -8.81
CA MET B 17 3.32 1.81 -8.88
C MET B 17 4.08 3.11 -8.98
N LEU B 18 5.04 3.29 -8.07
CA LEU B 18 6.00 4.38 -8.16
C LEU B 18 7.15 3.91 -9.01
N PHE B 19 7.42 4.66 -10.08
CA PHE B 19 8.33 4.26 -11.16
C PHE B 19 9.40 5.31 -11.35
N ARG B 20 10.67 4.88 -11.31
N ARG B 20 10.67 4.89 -11.32
CA ARG B 20 11.77 5.79 -11.59
CA ARG B 20 11.79 5.78 -11.58
C ARG B 20 11.89 5.97 -13.09
C ARG B 20 11.92 5.96 -13.08
N LYS B 21 12.12 7.21 -13.51
CA LYS B 21 12.22 7.51 -14.95
C LYS B 21 13.50 6.97 -15.55
N SER B 22 14.61 7.13 -14.87
CA SER B 22 15.89 6.76 -15.46
C SER B 22 16.87 6.41 -14.36
N PRO B 23 17.32 5.15 -14.26
CA PRO B 23 16.86 4.02 -15.07
C PRO B 23 15.38 3.71 -14.81
N GLN B 24 14.71 3.10 -15.77
CA GLN B 24 13.28 2.78 -15.60
C GLN B 24 13.17 1.55 -14.71
N GLU B 25 12.57 1.70 -13.53
CA GLU B 25 12.48 0.59 -12.60
C GLU B 25 11.40 0.89 -11.57
N LEU B 26 10.87 -0.19 -10.97
CA LEU B 26 9.95 -0.08 -9.86
C LEU B 26 10.67 0.42 -8.63
N LEU B 27 10.09 1.43 -7.98
CA LEU B 27 10.62 1.92 -6.71
C LEU B 27 9.82 1.45 -5.52
N CYS B 28 8.50 1.47 -5.64
CA CYS B 28 7.65 1.29 -4.47
C CYS B 28 6.23 1.13 -4.96
N GLY B 29 5.36 0.68 -4.03
CA GLY B 29 3.92 0.80 -4.20
C GLY B 29 3.42 2.12 -3.66
N ALA B 30 2.14 2.33 -3.85
CA ALA B 30 1.44 3.55 -3.49
C ALA B 30 -0.05 3.29 -3.68
N SER B 31 -0.88 4.27 -3.33
CA SER B 31 -2.32 4.09 -3.46
C SER B 31 -3.03 5.37 -3.89
N LEU B 32 -4.11 5.18 -4.64
CA LEU B 32 -4.93 6.28 -5.13
C LEU B 32 -6.04 6.60 -4.14
N ILE B 33 -6.06 7.85 -3.65
CA ILE B 33 -7.06 8.27 -2.67
C ILE B 33 -8.02 9.29 -3.23
N SER B 34 -7.78 9.83 -4.41
CA SER B 34 -8.74 10.69 -5.10
C SER B 34 -8.22 10.80 -6.53
N ASP B 35 -8.90 11.60 -7.36
CA ASP B 35 -8.43 11.69 -8.74
C ASP B 35 -7.09 12.41 -8.91
N ARG B 36 -6.57 13.06 -7.87
CA ARG B 36 -5.31 13.78 -8.03
C ARG B 36 -4.30 13.54 -6.90
N TRP B 37 -4.60 12.64 -5.97
CA TRP B 37 -3.73 12.41 -4.84
C TRP B 37 -3.38 10.94 -4.69
N VAL B 38 -2.10 10.70 -4.42
CA VAL B 38 -1.54 9.36 -4.25
C VAL B 38 -0.82 9.33 -2.91
N LEU B 39 -1.05 8.28 -2.16
CA LEU B 39 -0.46 8.08 -0.84
C LEU B 39 0.66 7.04 -0.92
N THR B 40 1.81 7.30 -0.27
CA THR B 40 2.90 6.32 -0.22
C THR B 40 3.65 6.48 1.10
N ALA B 41 4.73 5.70 1.24
CA ALA B 41 5.64 5.81 2.40
C ALA B 41 6.67 6.89 2.13
N ALA B 42 6.97 7.68 3.15
CA ALA B 42 7.99 8.72 3.02
C ALA B 42 9.35 8.13 2.64
N HIS B 43 9.67 6.93 3.13
CA HIS B 43 11.00 6.38 2.85
C HIS B 43 11.15 5.98 1.39
N CYS B 44 10.04 5.85 0.65
CA CYS B 44 10.13 5.64 -0.79
C CYS B 44 10.68 6.84 -1.51
N LEU B 45 10.58 8.01 -0.91
CA LEU B 45 11.02 9.27 -1.52
C LEU B 45 12.24 9.86 -0.84
N LEU B 46 12.42 9.63 0.47
CA LEU B 46 13.49 10.27 1.22
C LEU B 46 14.05 9.28 2.22
N TYR B 47 15.32 8.93 2.04
CA TYR B 47 16.02 8.05 2.98
C TYR B 47 17.50 8.37 2.85
N PRO B 48 17.98 9.35 3.61
CA PRO B 48 19.38 9.82 3.49
C PRO B 48 20.41 8.73 3.71
N PRO B 49 20.16 7.73 4.53
CA PRO B 49 21.17 6.66 4.70
C PRO B 49 21.54 5.98 3.39
N TRP B 50 20.63 5.96 2.43
CA TRP B 50 20.84 5.38 1.12
C TRP B 50 20.98 6.43 0.03
N ASP B 51 21.27 7.67 0.40
CA ASP B 51 21.42 8.77 -0.56
C ASP B 51 20.18 8.91 -1.43
N LYS B 52 19.01 8.68 -0.86
CA LYS B 52 17.73 8.76 -1.58
C LYS B 52 17.03 10.06 -1.21
N ASN B 53 16.78 10.91 -2.21
CA ASN B 53 16.01 12.14 -2.02
C ASN B 53 15.44 12.55 -3.36
N PHE B 54 14.36 11.88 -3.76
CA PHE B 54 13.82 12.11 -5.09
C PHE B 54 13.09 13.45 -5.18
N THR B 55 13.16 14.04 -6.36
CA THR B 55 12.34 15.20 -6.69
C THR B 55 11.21 14.75 -7.62
N GLU B 56 10.21 15.61 -7.77
CA GLU B 56 9.05 15.29 -8.61
C GLU B 56 9.46 14.80 -9.99
N ASN B 57 10.40 15.50 -10.64
CA ASN B 57 10.75 15.21 -12.02
C ASN B 57 11.46 13.89 -12.16
N ASP B 58 11.89 13.27 -11.06
CA ASP B 58 12.57 11.99 -11.15
C ASP B 58 11.62 10.82 -11.33
N LEU B 59 10.33 11.03 -11.11
CA LEU B 59 9.40 9.93 -10.85
C LEU B 59 8.14 10.03 -11.69
N LEU B 60 7.51 8.88 -11.91
CA LEU B 60 6.17 8.78 -12.48
C LEU B 60 5.37 7.85 -11.59
N VAL B 61 4.05 7.96 -11.67
CA VAL B 61 3.18 6.96 -11.07
C VAL B 61 2.41 6.25 -12.17
N ARG B 62 2.23 4.96 -12.03
CA ARG B 62 1.52 4.16 -13.03
C ARG B 62 0.32 3.55 -12.30
N ILE B 63 -0.87 3.82 -12.80
CA ILE B 63 -2.13 3.51 -12.13
C ILE B 63 -2.95 2.57 -13.02
N GLY B 64 -3.66 1.63 -12.38
CA GLY B 64 -4.44 0.67 -13.14
C GLY B 64 -3.69 -0.57 -13.57
N LYS B 65 -2.50 -0.83 -13.03
CA LYS B 65 -1.67 -1.90 -13.52
C LYS B 65 -2.02 -3.25 -12.89
N HIS B 66 -1.62 -4.31 -13.60
CA HIS B 66 -1.68 -5.69 -13.14
C HIS B 66 -0.31 -6.32 -13.39
N SER B 67 0.11 -6.39 -14.65
CA SER B 67 1.48 -6.85 -14.96
C SER B 67 2.51 -5.92 -14.32
N ARG B 68 3.58 -6.53 -13.79
CA ARG B 68 4.67 -5.75 -13.23
C ARG B 68 5.43 -5.01 -14.31
N THR B 69 5.81 -5.73 -15.38
CA THR B 69 6.81 -5.17 -16.30
C THR B 69 6.24 -4.66 -17.60
N ARG B 70 5.04 -5.09 -17.98
N ARG B 70 5.03 -5.06 -17.97
CA ARG B 70 4.48 -4.70 -19.26
CA ARG B 70 4.53 -4.71 -19.30
C ARG B 70 3.95 -3.27 -19.22
C ARG B 70 3.82 -3.36 -19.28
N TYR B 71 3.94 -2.63 -20.39
CA TYR B 71 3.19 -1.40 -20.59
C TYR B 71 1.78 -1.83 -21.00
N GLU B 72 0.80 -1.58 -20.12
CA GLU B 72 -0.54 -2.15 -20.30
C GLU B 72 -1.40 -1.16 -21.05
N ARG B 73 -1.18 -1.17 -22.37
CA ARG B 73 -1.82 -0.21 -23.22
C ARG B 73 -3.33 -0.31 -23.11
N ASN B 74 -3.98 0.88 -23.12
CA ASN B 74 -5.41 1.08 -23.00
C ASN B 74 -5.98 0.76 -21.63
N ILE B 75 -5.13 0.46 -20.65
CA ILE B 75 -5.57 0.07 -19.30
C ILE B 75 -4.90 0.94 -18.26
N GLU B 76 -3.57 0.90 -18.20
CA GLU B 76 -2.89 1.70 -17.21
C GLU B 76 -2.85 3.15 -17.66
N LYS B 77 -2.66 4.03 -16.68
CA LYS B 77 -2.49 5.45 -16.94
C LYS B 77 -1.26 5.91 -16.20
N ILE B 78 -0.45 6.70 -16.87
CA ILE B 78 0.82 7.18 -16.32
C ILE B 78 0.70 8.68 -16.06
N SER B 79 1.03 9.08 -14.84
CA SER B 79 0.86 10.46 -14.40
C SER B 79 2.20 11.02 -13.92
N MET B 80 2.42 12.29 -14.23
CA MET B 80 3.55 13.02 -13.68
C MET B 80 3.15 13.66 -12.36
N LEU B 81 4.17 13.97 -11.55
CA LEU B 81 3.95 14.50 -10.22
C LEU B 81 4.06 16.01 -10.25
N GLU B 82 3.08 16.67 -9.64
CA GLU B 82 3.15 18.10 -9.43
C GLU B 82 3.97 18.45 -8.19
N LYS B 83 3.71 17.75 -7.08
CA LYS B 83 4.38 18.08 -5.84
C LYS B 83 4.38 16.89 -4.89
N ILE B 84 5.51 16.70 -4.20
CA ILE B 84 5.68 15.73 -3.12
C ILE B 84 5.55 16.45 -1.79
N TYR B 85 4.85 15.82 -0.84
CA TYR B 85 4.75 16.30 0.54
C TYR B 85 5.10 15.16 1.48
N ILE B 86 6.13 15.37 2.29
N ILE B 86 6.10 15.37 2.31
CA ILE B 86 6.57 14.41 3.29
CA ILE B 86 6.52 14.37 3.29
C ILE B 86 6.08 14.91 4.65
C ILE B 86 6.17 14.88 4.66
N HIS B 87 5.69 13.98 5.51
CA HIS B 87 5.35 14.39 6.87
C HIS B 87 6.53 15.10 7.51
N PRO B 88 6.32 16.28 8.10
CA PRO B 88 7.44 17.05 8.64
C PRO B 88 8.11 16.40 9.82
N ARG B 89 7.46 15.44 10.46
CA ARG B 89 8.08 14.73 11.58
C ARG B 89 8.40 13.27 11.22
N TYR B 90 8.46 12.96 9.93
CA TYR B 90 8.98 11.67 9.50
C TYR B 90 10.37 11.45 10.07
N ASN B 91 10.55 10.33 10.76
CA ASN B 91 11.80 10.01 11.46
C ASN B 91 12.61 8.96 10.70
N TRP B 92 13.38 9.44 9.73
CA TRP B 92 14.27 8.55 8.99
C TRP B 92 15.53 8.20 9.76
N ARG B 93 15.82 8.94 10.83
N ARG B 93 15.83 8.94 10.84
CA ARG B 93 17.05 8.72 11.58
CA ARG B 93 17.06 8.71 11.57
C ARG B 93 16.99 7.47 12.44
C ARG B 93 16.99 7.46 12.45
N GLU B 94 15.80 7.12 12.96
CA GLU B 94 15.68 6.09 13.99
C GLU B 94 14.84 4.89 13.58
N ASN B 95 13.56 5.11 13.27
CA ASN B 95 12.62 4.00 13.20
C ASN B 95 11.52 4.19 12.16
N LEU B 96 11.65 5.15 11.25
CA LEU B 96 10.64 5.44 10.24
C LEU B 96 9.31 5.81 10.87
N ASP B 97 9.32 6.45 12.05
CA ASP B 97 8.07 6.97 12.59
C ASP B 97 7.46 7.99 11.63
N ARG B 98 6.14 7.90 11.47
CA ARG B 98 5.39 8.80 10.61
C ARG B 98 5.85 8.64 9.17
N ASP B 99 5.89 7.39 8.71
CA ASP B 99 6.40 7.05 7.38
C ASP B 99 5.26 7.23 6.38
N ILE B 100 5.07 8.47 5.94
CA ILE B 100 3.92 8.81 5.09
C ILE B 100 4.28 9.99 4.21
N ALA B 101 3.82 9.93 2.97
CA ALA B 101 3.98 11.01 2.02
C ALA B 101 2.78 11.04 1.10
N LEU B 102 2.49 12.22 0.59
CA LEU B 102 1.48 12.41 -0.44
C LEU B 102 2.13 12.95 -1.70
N MET B 103 1.59 12.53 -2.87
CA MET B 103 2.02 13.03 -4.17
C MET B 103 0.79 13.57 -4.88
N LYS B 104 0.85 14.83 -5.29
CA LYS B 104 -0.21 15.43 -6.07
C LYS B 104 0.12 15.29 -7.55
N LEU B 105 -0.85 14.82 -8.32
CA LEU B 105 -0.61 14.59 -9.74
C LEU B 105 -0.80 15.88 -10.53
N LYS B 106 -0.09 15.98 -11.66
CA LYS B 106 -0.19 17.19 -12.45
C LYS B 106 -1.57 17.35 -13.07
N LYS B 107 -2.22 16.25 -13.42
CA LYS B 107 -3.56 16.26 -13.99
C LYS B 107 -4.37 15.15 -13.34
N PRO B 108 -5.68 15.33 -13.17
CA PRO B 108 -6.49 14.25 -12.60
C PRO B 108 -6.48 13.02 -13.49
N VAL B 109 -6.55 11.86 -12.86
CA VAL B 109 -6.61 10.59 -13.58
C VAL B 109 -8.08 10.23 -13.78
N ALA B 110 -8.40 9.65 -14.94
CA ALA B 110 -9.75 9.21 -15.18
C ALA B 110 -9.98 7.85 -14.55
N PHE B 111 -11.09 7.73 -13.82
CA PHE B 111 -11.42 6.44 -13.21
C PHE B 111 -11.94 5.48 -14.28
N SER B 112 -11.85 4.19 -13.97
CA SER B 112 -12.23 3.12 -14.90
C SER B 112 -12.48 1.84 -14.11
N ASP B 113 -12.72 0.75 -14.81
CA ASP B 113 -12.85 -0.53 -14.13
C ASP B 113 -11.59 -0.88 -13.35
N TYR B 114 -10.44 -0.32 -13.76
CA TYR B 114 -9.13 -0.68 -13.23
C TYR B 114 -8.54 0.37 -12.31
N ILE B 115 -9.18 1.54 -12.21
CA ILE B 115 -8.66 2.72 -11.53
C ILE B 115 -9.79 3.30 -10.69
N HIS B 116 -9.64 3.27 -9.36
CA HIS B 116 -10.69 3.71 -8.45
C HIS B 116 -10.07 3.95 -7.09
N PRO B 117 -10.44 5.01 -6.38
CA PRO B 117 -9.80 5.30 -5.09
C PRO B 117 -10.28 4.45 -3.93
N VAL B 118 -9.36 4.26 -2.99
CA VAL B 118 -9.67 3.61 -1.71
C VAL B 118 -10.15 4.67 -0.73
N CYS B 119 -10.90 4.25 0.28
CA CYS B 119 -11.28 5.17 1.33
C CYS B 119 -10.22 5.27 2.42
N LEU B 120 -10.17 6.45 3.07
CA LEU B 120 -9.36 6.58 4.28
C LEU B 120 -10.23 6.46 5.50
N PRO B 121 -9.74 5.84 6.57
CA PRO B 121 -10.61 5.52 7.72
C PRO B 121 -10.96 6.74 8.56
N ASP B 122 -12.19 6.74 9.05
CA ASP B 122 -12.60 7.59 10.12
C ASP B 122 -12.22 6.95 11.45
N ARG B 123 -12.35 7.72 12.54
CA ARG B 123 -11.96 7.21 13.86
C ARG B 123 -12.69 5.93 14.23
N GLU B 124 -14.00 5.85 13.92
CA GLU B 124 -14.78 4.72 14.36
C GLU B 124 -14.43 3.46 13.57
N THR B 125 -14.23 3.58 12.27
CA THR B 125 -13.81 2.43 11.50
C THR B 125 -12.45 1.94 11.97
N ALA B 126 -11.53 2.87 12.23
CA ALA B 126 -10.22 2.46 12.74
C ALA B 126 -10.34 1.75 14.08
N ALA B 127 -11.14 2.32 15.01
CA ALA B 127 -11.25 1.70 16.32
C ALA B 127 -11.86 0.32 16.23
N SER B 128 -12.83 0.15 15.33
N SER B 128 -12.84 0.16 15.33
CA SER B 128 -13.54 -1.12 15.22
CA SER B 128 -13.52 -1.12 15.22
C SER B 128 -12.70 -2.20 14.54
C SER B 128 -12.65 -2.19 14.58
N LEU B 129 -11.90 -1.83 13.54
CA LEU B 129 -11.22 -2.82 12.73
C LEU B 129 -9.75 -3.04 13.10
N LEU B 130 -9.09 -2.10 13.77
CA LEU B 130 -7.66 -2.28 14.06
C LEU B 130 -7.52 -3.05 15.38
N GLN B 131 -7.81 -4.33 15.31
CA GLN B 131 -7.81 -5.21 16.48
C GLN B 131 -6.98 -6.43 16.15
N ALA B 132 -6.27 -6.95 17.15
CA ALA B 132 -5.43 -8.12 16.95
C ALA B 132 -6.30 -9.27 16.46
N GLY B 133 -5.80 -9.99 15.45
CA GLY B 133 -6.48 -11.09 14.86
C GLY B 133 -7.27 -10.71 13.62
N TYR B 134 -7.70 -9.46 13.51
CA TYR B 134 -8.46 -9.03 12.35
C TYR B 134 -7.49 -8.92 11.18
N LYS B 135 -7.91 -9.40 10.02
CA LYS B 135 -7.02 -9.46 8.87
C LYS B 135 -7.22 -8.29 7.92
N GLY B 136 -6.11 -7.83 7.34
CA GLY B 136 -6.11 -6.94 6.22
C GLY B 136 -5.39 -7.57 5.04
N ARG B 137 -5.30 -6.79 3.98
CA ARG B 137 -4.79 -7.27 2.71
C ARG B 137 -3.68 -6.36 2.25
N VAL B 138 -2.57 -6.95 1.82
CA VAL B 138 -1.40 -6.24 1.33
C VAL B 138 -1.18 -6.65 -0.12
N THR B 139 -0.86 -5.68 -0.96
CA THR B 139 -0.68 -5.93 -2.40
C THR B 139 0.61 -5.24 -2.87
N GLY B 140 1.26 -5.84 -3.85
CA GLY B 140 2.45 -5.21 -4.39
C GLY B 140 3.13 -6.07 -5.43
N TRP B 141 4.12 -5.46 -6.06
CA TRP B 141 4.94 -6.10 -7.09
C TRP B 141 6.35 -6.40 -6.59
N GLY B 142 6.56 -6.38 -5.29
CA GLY B 142 7.88 -6.65 -4.73
C GLY B 142 8.29 -8.10 -4.80
N ASN B 143 9.48 -8.35 -4.26
CA ASN B 143 10.08 -9.67 -4.41
C ASN B 143 9.25 -10.76 -3.74
N LEU B 144 9.37 -11.96 -4.28
CA LEU B 144 8.62 -13.10 -3.81
C LEU B 144 9.30 -13.83 -2.67
N LYS B 145 10.57 -13.54 -2.40
CA LYS B 145 11.26 -14.12 -1.25
C LYS B 145 12.42 -13.21 -0.88
N GLU B 146 12.85 -13.33 0.37
CA GLU B 146 13.89 -12.43 0.86
C GLU B 146 15.18 -12.60 0.08
N THR B 147 15.54 -13.84 -0.25
CA THR B 147 16.77 -14.11 -0.97
C THR B 147 16.46 -14.84 -2.28
N GLY B 155 12.16 -15.02 -8.43
CA GLY B 155 12.23 -14.06 -7.35
C GLY B 155 11.31 -12.87 -7.50
N GLN B 156 10.90 -12.56 -8.72
CA GLN B 156 10.03 -11.41 -8.92
C GLN B 156 8.76 -11.78 -9.67
N PRO B 157 7.63 -11.13 -9.38
CA PRO B 157 6.37 -11.60 -9.92
C PRO B 157 6.04 -11.08 -11.32
N SER B 158 5.30 -11.91 -12.08
CA SER B 158 4.77 -11.46 -13.35
C SER B 158 3.65 -10.42 -13.17
N VAL B 159 2.80 -10.59 -12.16
CA VAL B 159 1.65 -9.72 -11.96
C VAL B 159 1.54 -9.38 -10.47
N LEU B 160 0.69 -8.41 -10.20
CA LEU B 160 0.44 -7.95 -8.82
C LEU B 160 0.14 -9.14 -7.92
N GLN B 161 0.72 -9.11 -6.71
CA GLN B 161 0.53 -10.16 -5.73
C GLN B 161 -0.32 -9.64 -4.57
N VAL B 162 -1.02 -10.55 -3.91
N VAL B 162 -1.01 -10.56 -3.92
CA VAL B 162 -1.91 -10.22 -2.80
CA VAL B 162 -1.92 -10.26 -2.81
C VAL B 162 -1.74 -11.25 -1.70
C VAL B 162 -1.64 -11.25 -1.69
N VAL B 163 -1.74 -10.78 -0.46
CA VAL B 163 -1.72 -11.66 0.73
C VAL B 163 -2.56 -11.02 1.82
N ASN B 164 -3.35 -11.84 2.51
CA ASN B 164 -4.13 -11.43 3.67
C ASN B 164 -3.37 -11.79 4.94
N LEU B 165 -3.26 -10.85 5.88
CA LEU B 165 -2.46 -11.04 7.09
C LEU B 165 -3.18 -10.49 8.30
N PRO B 166 -3.08 -11.17 9.44
CA PRO B 166 -3.71 -10.66 10.68
C PRO B 166 -2.88 -9.59 11.38
N ILE B 167 -3.61 -8.60 11.91
CA ILE B 167 -2.98 -7.64 12.82
C ILE B 167 -2.53 -8.37 14.08
N VAL B 168 -1.38 -7.97 14.60
CA VAL B 168 -0.75 -8.62 15.75
C VAL B 168 -0.83 -7.72 16.99
N GLU B 169 -0.99 -8.36 18.14
CA GLU B 169 -1.03 -7.70 19.43
C GLU B 169 0.21 -6.82 19.62
N ARG B 170 0.01 -5.62 20.14
CA ARG B 170 1.13 -4.69 20.22
C ARG B 170 2.31 -5.21 21.05
N PRO B 171 2.10 -5.87 22.18
CA PRO B 171 3.26 -6.44 22.90
C PRO B 171 4.07 -7.45 22.08
N VAL B 172 3.41 -8.25 21.24
CA VAL B 172 4.13 -9.21 20.40
C VAL B 172 4.92 -8.45 19.34
N CYS B 173 4.33 -7.40 18.76
CA CYS B 173 5.07 -6.58 17.79
C CYS B 173 6.33 -6.05 18.45
N LYS B 174 6.19 -5.47 19.65
CA LYS B 174 7.32 -4.85 20.31
C LYS B 174 8.38 -5.86 20.68
N ASP B 175 7.97 -7.05 21.12
CA ASP B 175 8.91 -8.06 21.58
C ASP B 175 9.60 -8.80 20.44
N SER B 176 9.21 -8.52 19.19
CA SER B 176 9.80 -9.17 18.01
C SER B 176 11.04 -8.45 17.49
N THR B 177 11.37 -7.28 18.04
CA THR B 177 12.34 -6.40 17.42
C THR B 177 13.02 -5.57 18.47
N ARG B 178 14.22 -5.08 18.13
CA ARG B 178 14.91 -4.11 18.97
C ARG B 178 14.60 -2.67 18.60
N ILE B 179 13.92 -2.45 17.46
CA ILE B 179 13.55 -1.10 17.06
C ILE B 179 12.47 -0.57 17.99
N ARG B 180 12.54 0.73 18.28
CA ARG B 180 11.49 1.39 19.08
C ARG B 180 10.21 1.54 18.25
N ILE B 181 9.15 0.88 18.66
CA ILE B 181 7.85 0.92 17.98
C ILE B 181 7.04 2.07 18.57
N THR B 182 6.32 2.81 17.71
CA THR B 182 5.52 3.94 18.14
C THR B 182 4.06 3.69 17.86
N ASP B 183 3.21 4.56 18.43
CA ASP B 183 1.76 4.50 18.21
C ASP B 183 1.37 4.81 16.76
N ASN B 184 2.31 5.32 15.97
CA ASN B 184 2.07 5.56 14.54
C ASN B 184 2.36 4.35 13.68
N MET B 185 2.56 3.20 14.28
CA MET B 185 2.84 1.97 13.59
C MET B 185 1.92 0.89 14.13
N PHE B 186 1.62 -0.11 13.28
CA PHE B 186 1.10 -1.38 13.77
C PHE B 186 1.83 -2.49 13.01
N CYS B 187 1.75 -3.71 13.52
CA CYS B 187 2.39 -4.82 12.82
C CYS B 187 1.37 -5.91 12.50
N ALA B 188 1.72 -6.71 11.49
CA ALA B 188 0.83 -7.74 10.98
C ALA B 188 1.66 -8.92 10.47
N GLY B 189 1.04 -10.10 10.47
CA GLY B 189 1.67 -11.32 10.04
C GLY B 189 1.26 -12.48 10.91
N TYR B 190 1.53 -13.70 10.46
CA TYR B 190 1.23 -14.88 11.23
C TYR B 190 2.36 -15.16 12.21
N LYS B 191 2.01 -15.79 13.31
N LYS B 191 2.01 -15.79 13.31
CA LYS B 191 3.00 -16.23 14.29
CA LYS B 191 3.00 -16.23 14.29
C LYS B 191 3.56 -17.58 13.86
C LYS B 191 3.55 -17.59 13.86
N PRO B 192 4.74 -17.94 14.35
CA PRO B 192 5.33 -19.23 13.96
C PRO B 192 4.41 -20.42 14.16
N ASP B 193 3.64 -20.44 15.26
CA ASP B 193 2.78 -21.59 15.53
C ASP B 193 1.51 -21.59 14.70
N GLU B 194 1.21 -20.52 13.97
CA GLU B 194 -0.04 -20.44 13.22
C GLU B 194 0.02 -21.21 11.91
N GLY B 195 1.20 -21.62 11.45
CA GLY B 195 1.32 -22.37 10.20
C GLY B 195 1.33 -21.53 8.94
N LYS B 196 0.25 -20.78 8.68
CA LYS B 196 0.18 -19.95 7.50
C LYS B 196 1.31 -18.91 7.55
N ARG B 197 1.68 -18.38 6.38
CA ARG B 197 2.80 -17.48 6.26
C ARG B 197 2.42 -16.30 5.38
N GLY B 198 3.37 -15.43 5.13
CA GLY B 198 3.16 -14.30 4.23
C GLY B 198 3.71 -13.00 4.77
N ASP B 199 4.11 -12.11 3.87
CA ASP B 199 4.71 -10.85 4.26
C ASP B 199 4.87 -9.98 3.02
N ALA B 200 5.08 -8.69 3.25
CA ALA B 200 5.63 -7.84 2.20
C ALA B 200 7.13 -8.09 2.07
N CYS B 201 7.72 -7.58 0.98
CA CYS B 201 9.16 -7.69 0.76
C CYS B 201 9.63 -6.51 -0.09
N GLU B 202 10.89 -6.53 -0.49
CA GLU B 202 11.48 -5.38 -1.17
C GLU B 202 10.69 -5.06 -2.42
N GLY B 203 10.31 -3.79 -2.55
CA GLY B 203 9.50 -3.31 -3.65
C GLY B 203 8.04 -3.10 -3.30
N ASP B 204 7.57 -3.70 -2.20
CA ASP B 204 6.20 -3.54 -1.75
C ASP B 204 5.99 -2.30 -0.90
N SER B 205 7.06 -1.74 -0.37
N SER B 205 7.04 -1.74 -0.34
CA SER B 205 6.98 -0.55 0.46
CA SER B 205 6.83 -0.65 0.61
C SER B 205 6.10 0.51 -0.19
C SER B 205 6.22 0.55 -0.11
N GLY B 206 5.39 1.26 0.64
CA GLY B 206 4.59 2.35 0.20
C GLY B 206 3.21 1.94 -0.27
N GLY B 207 2.98 0.64 -0.52
CA GLY B 207 1.67 0.17 -0.89
C GLY B 207 0.74 0.02 0.28
N PRO B 208 -0.52 -0.36 -0.03
CA PRO B 208 -1.59 -0.27 0.98
C PRO B 208 -1.81 -1.57 1.74
N PHE B 209 -2.19 -1.44 3.01
CA PHE B 209 -2.80 -2.46 3.85
C PHE B 209 -4.25 -2.05 3.99
N VAL B 210 -5.16 -2.83 3.39
CA VAL B 210 -6.57 -2.49 3.32
C VAL B 210 -7.41 -3.49 4.09
N MET B 211 -8.57 -3.00 4.55
CA MET B 211 -9.57 -3.84 5.19
C MET B 211 -10.92 -3.50 4.60
N LYS B 212 -11.80 -4.51 4.49
CA LYS B 212 -13.13 -4.30 3.95
C LYS B 212 -14.09 -4.16 5.13
N SER B 213 -14.67 -2.99 5.28
CA SER B 213 -15.54 -2.75 6.42
C SER B 213 -16.76 -3.66 6.33
N PRO B 214 -17.07 -4.41 7.39
CA PRO B 214 -18.31 -5.22 7.36
C PRO B 214 -19.56 -4.41 7.61
N PHE B 215 -19.40 -3.12 7.96
CA PHE B 215 -20.53 -2.23 8.23
C PHE B 215 -21.08 -1.64 6.95
N ASN B 216 -20.20 -1.21 6.03
CA ASN B 216 -20.65 -0.54 4.81
C ASN B 216 -20.08 -1.15 3.54
N ASN B 217 -19.35 -2.26 3.66
CA ASN B 217 -18.84 -3.02 2.53
C ASN B 217 -17.92 -2.20 1.62
N ARG B 218 -17.22 -1.22 2.18
CA ARG B 218 -16.21 -0.46 1.48
C ARG B 218 -14.81 -0.81 1.97
N TRP B 219 -13.84 -0.70 1.07
CA TRP B 219 -12.44 -0.87 1.41
C TRP B 219 -11.81 0.40 1.94
N TYR B 220 -11.09 0.25 3.05
CA TYR B 220 -10.40 1.31 3.74
C TYR B 220 -8.93 0.99 3.82
N GLN B 221 -8.09 2.01 3.62
CA GLN B 221 -6.65 1.85 3.77
C GLN B 221 -6.26 2.17 5.20
N MET B 222 -5.92 1.13 5.95
CA MET B 222 -5.58 1.29 7.35
C MET B 222 -4.11 1.45 7.53
N GLY B 223 -3.28 0.94 6.61
CA GLY B 223 -1.85 1.00 6.78
C GLY B 223 -1.13 1.28 5.48
N ILE B 224 0.15 1.63 5.62
CA ILE B 224 1.07 1.76 4.49
C ILE B 224 2.23 0.81 4.78
N VAL B 225 2.59 -0.01 3.80
CA VAL B 225 3.73 -0.92 3.97
C VAL B 225 4.96 -0.09 4.29
N SER B 226 5.53 -0.29 5.49
CA SER B 226 6.59 0.60 5.99
C SER B 226 7.94 -0.08 6.11
N TRP B 227 8.09 -1.09 6.95
CA TRP B 227 9.39 -1.74 7.13
C TRP B 227 9.24 -3.12 7.73
N GLY B 228 10.30 -3.93 7.53
CA GLY B 228 10.42 -5.21 8.19
C GLY B 228 11.88 -5.58 8.22
N GLU B 229 12.17 -6.57 9.05
CA GLU B 229 13.53 -7.12 9.16
C GLU B 229 13.50 -8.46 8.45
N GLY B 230 13.99 -8.46 7.23
CA GLY B 230 13.86 -9.59 6.36
C GLY B 230 12.47 -9.62 5.77
N CYS B 231 12.14 -10.73 5.12
CA CYS B 231 10.79 -10.97 4.62
C CYS B 231 10.32 -12.34 5.04
N ASP B 232 9.14 -12.40 5.66
CA ASP B 232 8.49 -13.65 6.03
C ASP B 232 9.37 -14.53 6.93
N ARG B 233 10.14 -13.90 7.83
CA ARG B 233 10.90 -14.66 8.80
C ARG B 233 10.02 -15.08 9.97
N ASP B 234 10.23 -16.30 10.47
CA ASP B 234 9.52 -16.72 11.67
C ASP B 234 9.83 -15.80 12.84
N GLY B 235 8.78 -15.34 13.52
CA GLY B 235 8.94 -14.53 14.71
C GLY B 235 9.17 -13.07 14.41
N LYS B 236 9.19 -12.68 13.14
CA LYS B 236 9.21 -11.29 12.73
C LYS B 236 7.87 -10.95 12.12
N TYR B 237 7.58 -9.66 12.08
CA TYR B 237 6.32 -9.14 11.58
C TYR B 237 6.60 -7.91 10.72
N GLY B 238 5.71 -7.67 9.75
CA GLY B 238 5.81 -6.46 8.99
C GLY B 238 5.18 -5.29 9.72
N PHE B 239 5.79 -4.12 9.56
CA PHE B 239 5.34 -2.89 10.22
C PHE B 239 4.74 -1.93 9.20
N TYR B 240 3.62 -1.32 9.59
CA TYR B 240 2.78 -0.51 8.72
C TYR B 240 2.52 0.84 9.37
N THR B 241 2.55 1.89 8.56
CA THR B 241 2.17 3.22 9.05
C THR B 241 0.69 3.23 9.38
N HIS B 242 0.36 3.77 10.56
CA HIS B 242 -1.03 3.83 11.05
C HIS B 242 -1.69 5.03 10.41
N VAL B 243 -2.43 4.80 9.33
CA VAL B 243 -2.96 5.90 8.50
C VAL B 243 -3.88 6.81 9.31
N PHE B 244 -4.80 6.23 10.05
CA PHE B 244 -5.72 7.04 10.84
C PHE B 244 -4.99 8.00 11.78
N ARG B 245 -3.93 7.52 12.45
CA ARG B 245 -3.21 8.37 13.38
C ARG B 245 -2.63 9.62 12.72
N LEU B 246 -2.40 9.57 11.41
CA LEU B 246 -1.78 10.67 10.66
C LEU B 246 -2.81 11.40 9.81
N LYS B 247 -4.08 11.15 10.07
CA LYS B 247 -5.13 11.72 9.20
C LYS B 247 -5.16 13.24 9.25
N LYS B 248 -4.85 13.85 10.40
CA LYS B 248 -4.90 15.30 10.50
C LYS B 248 -3.88 15.95 9.56
N TRP B 249 -2.70 15.35 9.42
CA TRP B 249 -1.73 15.85 8.47
C TRP B 249 -2.20 15.65 7.03
N ILE B 250 -2.74 14.47 6.71
CA ILE B 250 -3.27 14.22 5.37
C ILE B 250 -4.28 15.29 5.00
N GLN B 251 -5.24 15.52 5.89
CA GLN B 251 -6.30 16.50 5.64
C GLN B 251 -5.73 17.89 5.47
N LYS B 252 -4.77 18.29 6.31
CA LYS B 252 -4.17 19.60 6.20
C LYS B 252 -3.52 19.79 4.84
N VAL B 253 -2.81 18.78 4.36
CA VAL B 253 -2.16 18.88 3.07
C VAL B 253 -3.19 19.02 1.96
N ILE B 254 -4.19 18.14 1.95
CA ILE B 254 -5.15 18.20 0.86
C ILE B 254 -5.94 19.51 0.91
N ASP B 255 -6.30 19.98 2.10
CA ASP B 255 -7.03 21.23 2.23
C ASP B 255 -6.21 22.42 1.72
N GLN B 256 -4.92 22.48 2.09
CA GLN B 256 -4.09 23.63 1.72
C GLN B 256 -3.72 23.60 0.25
N PHE B 257 -3.46 22.41 -0.28
CA PHE B 257 -2.89 22.28 -1.62
C PHE B 257 -3.86 21.56 -2.54
N ASP C 2 14.45 -4.81 -18.08
CA ASP C 2 13.50 -5.67 -17.39
C ASP C 2 12.06 -5.23 -17.65
N PHE C 3 11.86 -3.92 -17.71
CA PHE C 3 10.56 -3.33 -17.95
C PHE C 3 10.40 -2.97 -19.42
N GLU C 4 9.19 -3.15 -19.93
CA GLU C 4 8.87 -2.69 -21.27
C GLU C 4 8.94 -1.17 -21.31
N GLU C 5 9.54 -0.64 -22.38
CA GLU C 5 9.64 0.81 -22.51
C GLU C 5 8.26 1.45 -22.48
N ILE C 6 8.14 2.56 -21.77
CA ILE C 6 6.86 3.27 -21.75
C ILE C 6 6.88 4.29 -22.88
N PRO C 7 5.72 4.80 -23.30
CA PRO C 7 5.69 5.81 -24.37
C PRO C 7 6.52 7.04 -24.01
N GLU C 8 7.17 7.60 -25.04
CA GLU C 8 8.07 8.73 -24.82
C GLU C 8 7.33 9.94 -24.27
N GLU C 9 6.04 10.08 -24.55
CA GLU C 9 5.29 11.24 -24.09
C GLU C 9 5.37 11.39 -22.58
N LEU C 11 7.97 10.74 -20.74
CA LEU C 11 9.34 11.01 -20.28
C LEU C 11 9.82 12.40 -20.69
#